data_8BJW
#
_entry.id   8BJW
#
_cell.length_a   136.734
_cell.length_b   136.734
_cell.length_c   63.106
_cell.angle_alpha   90.000
_cell.angle_beta   90.000
_cell.angle_gamma   120.000
#
_symmetry.space_group_name_H-M   'P 32 2 1'
#
loop_
_entity.id
_entity.type
_entity.pdbx_description
1 polymer 'Protein C'
2 non-polymer DI(HYDROXYETHYL)ETHER
3 water water
#
_entity_poly.entity_id   1
_entity_poly.type   'polypeptide(L)'
_entity_poly.pdbx_seq_one_letter_code
;GAMEHRAKTKRNQELAEQLLKELPHETTSIANLVQRNNRDLDYNLEQLVRTLLQMEKEGTHVTESLINTLMETDTLTPKE
QALIWPAYNLVRQMMHHAALHHI
;
_entity_poly.pdbx_strand_id   A,B,C,D,E,F
#
loop_
_chem_comp.id
_chem_comp.type
_chem_comp.name
_chem_comp.formula
PEG non-polymer DI(HYDROXYETHYL)ETHER 'C4 H10 O3'
#
# COMPACT_ATOMS: atom_id res chain seq x y z
N THR A 9 -37.46 21.84 -8.65
CA THR A 9 -36.77 23.14 -8.96
C THR A 9 -35.44 22.81 -9.65
N LYS A 10 -35.09 23.66 -10.60
CA LYS A 10 -33.83 23.61 -11.38
C LYS A 10 -32.63 23.83 -10.43
N ARG A 11 -32.86 24.51 -9.30
CA ARG A 11 -31.82 24.83 -8.28
C ARG A 11 -31.30 23.51 -7.71
N ASN A 12 -32.23 22.63 -7.29
CA ASN A 12 -31.90 21.29 -6.74
C ASN A 12 -31.02 20.51 -7.72
N GLN A 13 -31.31 20.57 -9.03
CA GLN A 13 -30.57 19.76 -10.04
C GLN A 13 -29.14 20.27 -10.18
N GLU A 14 -28.97 21.58 -10.22
CA GLU A 14 -27.66 22.25 -10.35
C GLU A 14 -26.84 21.98 -9.09
N LEU A 15 -27.46 22.09 -7.89
CA LEU A 15 -26.79 21.77 -6.61
C LEU A 15 -26.22 20.35 -6.67
N ALA A 16 -27.04 19.37 -7.08
CA ALA A 16 -26.63 17.95 -7.22
C ALA A 16 -25.48 17.84 -8.21
N GLU A 17 -25.60 18.52 -9.35
CA GLU A 17 -24.57 18.49 -10.43
C GLU A 17 -23.23 19.00 -9.88
N GLN A 18 -23.30 20.04 -9.06
CA GLN A 18 -22.10 20.67 -8.44
C GLN A 18 -21.51 19.72 -7.38
N LEU A 19 -22.35 19.18 -6.50
CA LEU A 19 -21.92 18.19 -5.47
C LEU A 19 -21.24 17.00 -6.14
N LEU A 20 -21.76 16.51 -7.28
CA LEU A 20 -21.16 15.34 -7.99
C LEU A 20 -19.72 15.63 -8.41
N LYS A 21 -19.39 16.87 -8.82
CA LYS A 21 -18.01 17.26 -9.17
C LYS A 21 -17.15 17.38 -7.91
N GLU A 22 -17.72 17.79 -6.78
CA GLU A 22 -16.99 18.04 -5.49
C GLU A 22 -16.77 16.72 -4.70
N LEU A 23 -17.44 15.63 -5.06
CA LEU A 23 -17.32 14.33 -4.32
C LEU A 23 -15.91 13.81 -4.42
N PRO A 24 -15.36 13.24 -3.32
CA PRO A 24 -13.99 12.73 -3.35
C PRO A 24 -13.89 11.69 -4.49
N HIS A 25 -12.68 11.52 -5.00
CA HIS A 25 -12.32 10.53 -6.03
C HIS A 25 -12.82 9.15 -5.56
N GLU A 26 -13.49 8.43 -6.44
CA GLU A 26 -14.01 7.10 -6.15
C GLU A 26 -13.34 6.14 -7.13
N THR A 27 -12.63 5.16 -6.59
CA THR A 27 -12.12 3.99 -7.35
C THR A 27 -13.35 3.28 -7.94
N THR A 28 -13.26 2.83 -9.17
CA THR A 28 -14.25 1.95 -9.84
C THR A 28 -14.40 0.67 -9.00
N SER A 29 -15.49 -0.05 -9.20
CA SER A 29 -15.86 -1.18 -8.31
C SER A 29 -14.81 -2.31 -8.45
N ILE A 30 -14.40 -2.62 -9.67
CA ILE A 30 -13.40 -3.70 -9.93
C ILE A 30 -12.04 -3.33 -9.32
N ALA A 31 -11.59 -2.10 -9.60
CA ALA A 31 -10.32 -1.56 -9.07
C ALA A 31 -10.33 -1.65 -7.54
N ASN A 32 -11.49 -1.39 -6.92
CA ASN A 32 -11.62 -1.34 -5.45
C ASN A 32 -11.61 -2.77 -4.90
N LEU A 33 -12.16 -3.72 -5.66
CA LEU A 33 -12.14 -5.14 -5.27
C LEU A 33 -10.68 -5.61 -5.23
N VAL A 34 -9.88 -5.22 -6.23
CA VAL A 34 -8.44 -5.55 -6.25
C VAL A 34 -7.73 -4.91 -5.04
N GLN A 35 -7.88 -3.60 -4.88
CA GLN A 35 -7.19 -2.85 -3.78
C GLN A 35 -7.52 -3.46 -2.43
N ARG A 36 -8.78 -3.84 -2.24
CA ARG A 36 -9.28 -4.35 -0.94
C ARG A 36 -8.66 -5.73 -0.71
N ASN A 37 -8.58 -6.51 -1.76
CA ASN A 37 -8.00 -7.87 -1.71
C ASN A 37 -6.49 -7.76 -1.44
N ASN A 38 -5.78 -6.83 -2.07
CA ASN A 38 -4.35 -6.55 -1.77
C ASN A 38 -4.16 -6.21 -0.30
N ARG A 39 -4.97 -5.31 0.27
CA ARG A 39 -4.80 -4.88 1.67
C ARG A 39 -4.95 -6.12 2.58
N ASP A 40 -5.91 -6.97 2.28
CA ASP A 40 -6.30 -8.11 3.14
C ASP A 40 -5.19 -9.17 3.06
N LEU A 41 -4.70 -9.48 1.85
CA LEU A 41 -3.54 -10.38 1.61
C LEU A 41 -2.31 -9.85 2.34
N ASP A 42 -2.01 -8.55 2.20
CA ASP A 42 -0.81 -7.94 2.85
C ASP A 42 -0.96 -8.13 4.36
N TYR A 43 -2.14 -7.86 4.91
CA TYR A 43 -2.35 -7.97 6.36
C TYR A 43 -2.13 -9.42 6.78
N ASN A 44 -2.78 -10.37 6.10
CA ASN A 44 -2.75 -11.81 6.51
C ASN A 44 -1.34 -12.37 6.30
N LEU A 45 -0.63 -11.98 5.24
CA LEU A 45 0.79 -12.34 5.04
C LEU A 45 1.64 -11.88 6.22
N GLU A 46 1.51 -10.63 6.65
CA GLU A 46 2.36 -10.08 7.74
C GLU A 46 2.03 -10.85 9.04
N GLN A 47 0.76 -11.21 9.32
CA GLN A 47 0.45 -12.03 10.52
C GLN A 47 1.18 -13.38 10.44
N LEU A 48 1.15 -14.04 9.29
CA LEU A 48 1.75 -15.38 9.12
C LEU A 48 3.26 -15.26 9.30
N VAL A 49 3.87 -14.23 8.74
CA VAL A 49 5.32 -13.98 8.86
C VAL A 49 5.67 -13.87 10.35
N ARG A 50 4.90 -13.08 11.10
CA ARG A 50 5.07 -12.90 12.56
C ARG A 50 4.92 -14.27 13.24
N THR A 51 3.89 -15.05 12.92
CA THR A 51 3.65 -16.38 13.53
C THR A 51 4.86 -17.27 13.27
N LEU A 52 5.38 -17.30 12.05
CA LEU A 52 6.53 -18.16 11.70
C LEU A 52 7.78 -17.69 12.47
N LEU A 53 8.02 -16.38 12.57
CA LEU A 53 9.18 -15.87 13.33
C LEU A 53 9.00 -16.19 14.83
N GLN A 54 7.77 -16.11 15.36
CA GLN A 54 7.51 -16.49 16.78
C GLN A 54 7.94 -17.94 16.98
N MET A 55 7.64 -18.82 16.04
CA MET A 55 8.06 -20.25 16.09
C MET A 55 9.58 -20.35 16.11
N GLU A 56 10.26 -19.64 15.21
CA GLU A 56 11.74 -19.63 15.10
C GLU A 56 12.31 -19.18 16.44
N LYS A 57 11.76 -18.11 17.01
CA LYS A 57 12.24 -17.60 18.33
C LYS A 57 12.10 -18.69 19.41
N GLU A 58 11.00 -19.43 19.40
CA GLU A 58 10.68 -20.45 20.42
C GLU A 58 11.53 -21.72 20.23
N GLY A 59 12.24 -21.86 19.10
CA GLY A 59 13.14 -23.00 18.86
C GLY A 59 12.63 -23.97 17.81
N THR A 60 11.50 -23.66 17.17
CA THR A 60 10.98 -24.44 16.01
C THR A 60 11.57 -23.82 14.75
N HIS A 61 12.61 -24.42 14.18
CA HIS A 61 13.31 -23.89 12.99
C HIS A 61 12.34 -23.95 11.82
N VAL A 62 12.23 -22.86 11.05
CA VAL A 62 11.23 -22.76 9.96
C VAL A 62 11.86 -23.29 8.68
N THR A 63 11.40 -24.45 8.22
CA THR A 63 11.92 -25.19 7.05
C THR A 63 10.77 -25.58 6.13
N GLU A 64 11.10 -25.95 4.90
CA GLU A 64 10.13 -26.47 3.91
C GLU A 64 9.38 -27.66 4.53
N SER A 65 10.05 -28.51 5.32
CA SER A 65 9.40 -29.71 5.90
C SER A 65 8.35 -29.28 6.94
N LEU A 66 8.68 -28.32 7.80
CA LEU A 66 7.72 -27.78 8.80
C LEU A 66 6.45 -27.29 8.09
N ILE A 67 6.61 -26.53 7.01
CA ILE A 67 5.45 -25.99 6.26
C ILE A 67 4.64 -27.16 5.69
N ASN A 68 5.31 -28.18 5.16
CA ASN A 68 4.62 -29.36 4.60
C ASN A 68 3.80 -30.03 5.70
N THR A 69 4.37 -30.20 6.90
CA THR A 69 3.70 -30.88 8.03
C THR A 69 2.52 -30.01 8.50
N LEU A 70 2.71 -28.69 8.62
CA LEU A 70 1.59 -27.78 9.00
C LEU A 70 0.45 -27.94 7.98
N MET A 71 0.75 -28.10 6.69
CA MET A 71 -0.29 -28.24 5.63
C MET A 71 -0.95 -29.63 5.69
N GLU A 72 -0.17 -30.69 5.86
CA GLU A 72 -0.68 -32.10 5.76
C GLU A 72 -1.67 -32.37 6.89
N THR A 73 -1.47 -31.76 8.06
CA THR A 73 -2.46 -31.69 9.18
C THR A 73 -3.35 -30.47 8.90
N ASP A 74 -4.59 -30.40 9.37
CA ASP A 74 -5.41 -29.20 9.11
C ASP A 74 -5.12 -28.19 10.22
N THR A 75 -3.84 -28.01 10.57
CA THR A 75 -3.36 -26.98 11.55
C THR A 75 -3.59 -25.55 11.05
N LEU A 76 -3.64 -25.30 9.73
CA LEU A 76 -3.77 -23.93 9.14
C LEU A 76 -5.19 -23.74 8.62
N THR A 77 -5.74 -22.53 8.68
CA THR A 77 -7.03 -22.17 8.02
C THR A 77 -6.81 -22.13 6.51
N PRO A 78 -7.87 -22.24 5.69
CA PRO A 78 -7.77 -22.03 4.25
C PRO A 78 -7.06 -20.73 3.84
N LYS A 79 -7.31 -19.62 4.54
CA LYS A 79 -6.68 -18.30 4.24
C LYS A 79 -5.18 -18.39 4.51
N GLU A 80 -4.80 -19.11 5.57
CA GLU A 80 -3.38 -19.28 5.95
C GLU A 80 -2.71 -20.16 4.89
N GLN A 81 -3.36 -21.26 4.47
CA GLN A 81 -2.78 -22.21 3.49
C GLN A 81 -2.53 -21.50 2.17
N ALA A 82 -3.41 -20.58 1.79
CA ALA A 82 -3.28 -19.75 0.57
C ALA A 82 -1.97 -18.93 0.64
N LEU A 83 -1.51 -18.49 1.82
CA LEU A 83 -0.37 -17.53 1.94
C LEU A 83 0.87 -18.14 2.61
N ILE A 84 0.82 -19.40 3.00
CA ILE A 84 1.88 -19.99 3.86
C ILE A 84 3.22 -20.01 3.10
N TRP A 85 3.22 -20.27 1.79
CA TRP A 85 4.51 -20.35 1.04
C TRP A 85 5.12 -18.97 0.85
N PRO A 86 4.37 -17.94 0.40
CA PRO A 86 4.89 -16.57 0.40
C PRO A 86 5.38 -16.11 1.79
N ALA A 87 4.68 -16.47 2.87
CA ALA A 87 5.16 -16.14 4.23
C ALA A 87 6.48 -16.87 4.49
N TYR A 88 6.56 -18.15 4.13
CA TYR A 88 7.80 -18.97 4.30
C TYR A 88 8.95 -18.28 3.55
N ASN A 89 8.76 -18.00 2.26
CA ASN A 89 9.79 -17.37 1.39
C ASN A 89 10.28 -16.09 2.05
N LEU A 90 9.35 -15.21 2.47
CA LEU A 90 9.73 -13.92 3.11
C LEU A 90 10.49 -14.17 4.41
N VAL A 91 10.05 -15.09 5.27
CA VAL A 91 10.78 -15.41 6.53
C VAL A 91 12.21 -15.82 6.21
N ARG A 92 12.40 -16.70 5.23
CA ARG A 92 13.75 -17.16 4.81
C ARG A 92 14.58 -15.95 4.35
N GLN A 93 14.04 -15.08 3.50
CA GLN A 93 14.73 -13.85 3.05
C GLN A 93 15.18 -13.05 4.28
N MET A 94 14.26 -12.82 5.24
CA MET A 94 14.51 -11.99 6.44
C MET A 94 15.58 -12.65 7.30
N MET A 95 15.57 -13.97 7.46
CA MET A 95 16.57 -14.68 8.32
C MET A 95 17.94 -14.54 7.65
N HIS A 96 18.00 -14.66 6.32
CA HIS A 96 19.26 -14.50 5.53
C HIS A 96 19.73 -13.04 5.59
N HIS A 97 18.83 -12.07 5.38
CA HIS A 97 19.13 -10.62 5.48
C HIS A 97 19.70 -10.28 6.86
N ALA A 98 19.17 -10.86 7.93
CA ALA A 98 19.61 -10.57 9.31
C ALA A 98 21.01 -11.15 9.53
N ALA A 99 21.89 -10.32 10.07
CA ALA A 99 23.30 -10.64 10.43
C ALA A 99 24.11 -11.13 9.21
N LEU A 100 24.03 -10.40 8.08
CA LEU A 100 24.86 -10.66 6.87
C LEU A 100 26.34 -10.46 7.22
N THR B 9 20.81 -24.11 16.20
CA THR B 9 21.58 -23.25 17.13
C THR B 9 20.66 -22.14 17.66
N LYS B 10 21.02 -21.59 18.81
CA LYS B 10 20.36 -20.44 19.46
C LYS B 10 20.64 -19.16 18.65
N ARG B 11 21.53 -19.19 17.65
CA ARG B 11 21.74 -18.10 16.65
C ARG B 11 20.40 -17.82 15.96
N ASN B 12 19.75 -18.89 15.45
CA ASN B 12 18.46 -18.81 14.75
C ASN B 12 17.42 -18.12 15.65
N GLN B 13 17.39 -18.44 16.93
CA GLN B 13 16.37 -17.90 17.88
C GLN B 13 16.58 -16.41 18.09
N GLU B 14 17.84 -15.99 18.27
CA GLU B 14 18.21 -14.56 18.50
C GLU B 14 17.90 -13.76 17.22
N LEU B 15 18.24 -14.31 16.05
CA LEU B 15 17.93 -13.67 14.74
C LEU B 15 16.40 -13.40 14.67
N ALA B 16 15.59 -14.42 14.96
CA ALA B 16 14.11 -14.33 14.97
C ALA B 16 13.67 -13.27 15.97
N GLU B 17 14.23 -13.27 17.19
CA GLU B 17 13.88 -12.31 18.27
C GLU B 17 14.17 -10.89 17.79
N GLN B 18 15.28 -10.70 17.06
CA GLN B 18 15.69 -9.38 16.55
C GLN B 18 14.72 -8.94 15.43
N LEU B 19 14.46 -9.84 14.45
CA LEU B 19 13.49 -9.57 13.36
C LEU B 19 12.13 -9.19 13.94
N LEU B 20 11.66 -9.86 15.00
CA LEU B 20 10.33 -9.59 15.61
C LEU B 20 10.27 -8.14 16.14
N LYS B 21 11.36 -7.59 16.67
CA LYS B 21 11.42 -6.18 17.13
C LYS B 21 11.41 -5.23 15.94
N GLU B 22 12.02 -5.61 14.81
CA GLU B 22 12.16 -4.76 13.60
C GLU B 22 10.89 -4.77 12.74
N LEU B 23 9.94 -5.70 12.97
CA LEU B 23 8.71 -5.85 12.11
C LEU B 23 7.86 -4.59 12.24
N PRO B 24 7.25 -4.13 11.13
CA PRO B 24 6.38 -2.96 11.18
C PRO B 24 5.30 -3.18 12.26
N HIS B 25 4.83 -2.09 12.84
CA HIS B 25 3.68 -2.07 13.79
C HIS B 25 2.53 -2.81 13.12
N GLU B 26 1.90 -3.71 13.86
CA GLU B 26 0.80 -4.51 13.34
C GLU B 26 -0.42 -4.20 14.19
N THR B 27 -1.50 -3.76 13.54
CA THR B 27 -2.85 -3.69 14.15
C THR B 27 -3.21 -5.11 14.57
N THR B 28 -3.80 -5.28 15.75
CA THR B 28 -4.37 -6.57 16.22
C THR B 28 -5.43 -7.02 15.23
N SER B 29 -5.76 -8.30 15.27
CA SER B 29 -6.61 -8.96 14.28
C SER B 29 -8.03 -8.34 14.34
N ILE B 30 -8.56 -8.16 15.55
CA ILE B 30 -9.91 -7.59 15.79
C ILE B 30 -9.95 -6.13 15.29
N ALA B 31 -8.95 -5.32 15.69
CA ALA B 31 -8.84 -3.91 15.28
C ALA B 31 -8.83 -3.83 13.76
N ASN B 32 -8.17 -4.78 13.08
CA ASN B 32 -8.04 -4.78 11.60
C ASN B 32 -9.38 -5.18 10.98
N LEU B 33 -10.11 -6.07 11.63
CA LEU B 33 -11.46 -6.48 11.18
C LEU B 33 -12.36 -5.25 11.22
N VAL B 34 -12.31 -4.45 12.28
CA VAL B 34 -13.10 -3.20 12.41
C VAL B 34 -12.71 -2.24 11.28
N GLN B 35 -11.42 -1.94 11.15
CA GLN B 35 -10.91 -0.95 10.17
C GLN B 35 -11.37 -1.37 8.75
N ARG B 36 -11.27 -2.65 8.46
CA ARG B 36 -11.58 -3.19 7.12
C ARG B 36 -13.08 -3.05 6.87
N ASN B 37 -13.86 -3.31 7.90
CA ASN B 37 -15.34 -3.19 7.84
C ASN B 37 -15.74 -1.72 7.67
N ASN B 38 -15.11 -0.78 8.38
CA ASN B 38 -15.31 0.67 8.19
C ASN B 38 -15.02 1.05 6.74
N ARG B 39 -13.89 0.62 6.16
CA ARG B 39 -13.51 1.03 4.79
C ARG B 39 -14.58 0.55 3.83
N ASP B 40 -15.11 -0.67 4.03
CA ASP B 40 -16.07 -1.30 3.09
C ASP B 40 -17.40 -0.54 3.17
N LEU B 41 -17.88 -0.26 4.39
CA LEU B 41 -19.10 0.54 4.65
C LEU B 41 -18.93 1.94 4.02
N ASP B 42 -17.80 2.59 4.25
CA ASP B 42 -17.53 3.95 3.74
C ASP B 42 -17.59 3.90 2.21
N TYR B 43 -16.98 2.89 1.60
CA TYR B 43 -16.94 2.79 0.12
C TYR B 43 -18.37 2.61 -0.38
N ASN B 44 -19.13 1.68 0.20
CA ASN B 44 -20.50 1.37 -0.29
C ASN B 44 -21.42 2.57 -0.05
N LEU B 45 -21.29 3.25 1.09
CA LEU B 45 -22.06 4.50 1.39
C LEU B 45 -21.77 5.56 0.32
N GLU B 46 -20.53 5.78 -0.05
CA GLU B 46 -20.16 6.82 -1.03
C GLU B 46 -20.76 6.45 -2.40
N GLN B 47 -20.82 5.18 -2.79
CA GLN B 47 -21.45 4.80 -4.08
C GLN B 47 -22.95 5.12 -4.02
N LEU B 48 -23.61 4.81 -2.91
CA LEU B 48 -25.07 5.06 -2.75
C LEU B 48 -25.33 6.57 -2.81
N VAL B 49 -24.49 7.35 -2.14
CA VAL B 49 -24.62 8.83 -2.09
C VAL B 49 -24.53 9.33 -3.52
N ARG B 50 -23.56 8.84 -4.29
CA ARG B 50 -23.37 9.20 -5.72
C ARG B 50 -24.65 8.82 -6.49
N THR B 51 -25.17 7.60 -6.31
CA THR B 51 -26.40 7.15 -7.02
C THR B 51 -27.56 8.10 -6.71
N LEU B 52 -27.74 8.46 -5.45
CA LEU B 52 -28.86 9.34 -5.04
C LEU B 52 -28.68 10.74 -5.63
N LEU B 53 -27.45 11.28 -5.62
CA LEU B 53 -27.19 12.61 -6.23
C LEU B 53 -27.42 12.54 -7.74
N GLN B 54 -27.06 11.43 -8.41
CA GLN B 54 -27.34 11.27 -9.85
C GLN B 54 -28.85 11.41 -10.08
N MET B 55 -29.67 10.79 -9.23
CA MET B 55 -31.15 10.91 -9.32
C MET B 55 -31.60 12.38 -9.20
N GLU B 56 -31.10 13.07 -8.18
CA GLU B 56 -31.40 14.50 -7.91
C GLU B 56 -30.99 15.33 -9.13
N LYS B 57 -29.82 15.08 -9.69
CA LYS B 57 -29.30 15.85 -10.84
C LYS B 57 -30.27 15.67 -12.01
N GLU B 58 -30.78 14.45 -12.21
CA GLU B 58 -31.63 14.13 -13.38
C GLU B 58 -33.06 14.66 -13.17
N GLY B 59 -33.39 15.15 -11.99
CA GLY B 59 -34.68 15.82 -11.71
C GLY B 59 -35.60 14.99 -10.84
N THR B 60 -35.17 13.81 -10.37
CA THR B 60 -35.91 13.00 -9.37
C THR B 60 -35.49 13.45 -7.98
N HIS B 61 -36.29 14.29 -7.33
CA HIS B 61 -35.98 14.90 -6.02
C HIS B 61 -35.89 13.77 -4.99
N VAL B 62 -34.84 13.79 -4.18
CA VAL B 62 -34.57 12.68 -3.23
C VAL B 62 -35.25 13.05 -1.91
N THR B 63 -36.31 12.30 -1.58
CA THR B 63 -37.17 12.53 -0.40
C THR B 63 -37.34 11.22 0.34
N GLU B 64 -37.79 11.30 1.59
CA GLU B 64 -38.12 10.13 2.43
C GLU B 64 -39.11 9.21 1.66
N SER B 65 -40.06 9.76 0.91
CA SER B 65 -41.09 8.91 0.26
C SER B 65 -40.45 8.20 -0.95
N LEU B 66 -39.56 8.85 -1.71
CA LEU B 66 -38.83 8.17 -2.79
C LEU B 66 -38.07 6.96 -2.23
N ILE B 67 -37.35 7.15 -1.11
CA ILE B 67 -36.55 6.04 -0.48
C ILE B 67 -37.54 4.92 -0.10
N ASN B 68 -38.70 5.27 0.46
CA ASN B 68 -39.69 4.24 0.90
C ASN B 68 -40.14 3.44 -0.31
N THR B 69 -40.45 4.12 -1.42
CA THR B 69 -40.94 3.48 -2.66
C THR B 69 -39.83 2.60 -3.25
N LEU B 70 -38.60 3.10 -3.31
CA LEU B 70 -37.48 2.30 -3.84
C LEU B 70 -37.31 1.03 -2.99
N MET B 71 -37.51 1.11 -1.66
CA MET B 71 -37.36 -0.04 -0.72
C MET B 71 -38.53 -1.02 -0.92
N GLU B 72 -39.77 -0.53 -1.02
CA GLU B 72 -40.97 -1.36 -1.34
C GLU B 72 -40.75 -1.75 -2.80
N THR B 73 -41.21 -2.93 -3.23
CA THR B 73 -41.04 -3.45 -4.62
C THR B 73 -39.55 -3.60 -4.97
N ASP B 74 -38.65 -3.60 -4.00
CA ASP B 74 -37.35 -4.35 -4.07
C ASP B 74 -36.48 -3.78 -5.20
N THR B 75 -36.68 -2.50 -5.53
CA THR B 75 -35.86 -1.75 -6.54
C THR B 75 -34.38 -1.59 -6.12
N LEU B 76 -34.06 -1.62 -4.82
CA LEU B 76 -32.67 -1.57 -4.25
C LEU B 76 -32.27 -2.98 -3.85
N THR B 77 -30.98 -3.32 -3.96
CA THR B 77 -30.43 -4.60 -3.48
C THR B 77 -30.44 -4.60 -1.96
N PRO B 78 -30.43 -5.80 -1.31
CA PRO B 78 -30.28 -5.87 0.14
C PRO B 78 -29.08 -5.11 0.69
N LYS B 79 -27.94 -5.10 -0.02
CA LYS B 79 -26.72 -4.36 0.40
C LYS B 79 -26.99 -2.84 0.36
N GLU B 80 -27.74 -2.40 -0.62
CA GLU B 80 -28.14 -0.97 -0.74
C GLU B 80 -29.08 -0.61 0.43
N GLN B 81 -30.06 -1.48 0.68
CA GLN B 81 -31.09 -1.24 1.71
C GLN B 81 -30.45 -1.13 3.08
N ALA B 82 -29.38 -1.88 3.32
CA ALA B 82 -28.58 -1.81 4.56
C ALA B 82 -28.07 -0.39 4.86
N LEU B 83 -27.70 0.41 3.83
CA LEU B 83 -27.05 1.73 4.00
C LEU B 83 -27.88 2.89 3.46
N ILE B 84 -29.09 2.64 2.98
CA ILE B 84 -29.83 3.67 2.19
C ILE B 84 -30.17 4.88 3.08
N TRP B 85 -30.47 4.69 4.36
CA TRP B 85 -30.87 5.82 5.23
C TRP B 85 -29.68 6.73 5.56
N PRO B 86 -28.52 6.16 5.99
CA PRO B 86 -27.30 6.97 6.12
C PRO B 86 -26.94 7.71 4.81
N ALA B 87 -27.08 7.06 3.65
CA ALA B 87 -26.84 7.73 2.36
C ALA B 87 -27.82 8.91 2.18
N TYR B 88 -29.10 8.66 2.48
CA TYR B 88 -30.16 9.67 2.37
C TYR B 88 -29.82 10.88 3.26
N ASN B 89 -29.54 10.63 4.53
CA ASN B 89 -29.20 11.69 5.53
C ASN B 89 -28.03 12.51 5.03
N LEU B 90 -26.96 11.86 4.57
CA LEU B 90 -25.76 12.56 4.06
C LEU B 90 -26.13 13.39 2.82
N VAL B 91 -26.90 12.84 1.86
CA VAL B 91 -27.32 13.62 0.66
C VAL B 91 -28.07 14.89 1.12
N ARG B 92 -28.98 14.78 2.06
CA ARG B 92 -29.76 15.93 2.58
C ARG B 92 -28.79 16.98 3.16
N GLN B 93 -27.84 16.55 4.01
CA GLN B 93 -26.83 17.46 4.59
C GLN B 93 -26.09 18.17 3.46
N MET B 94 -25.64 17.44 2.43
CA MET B 94 -24.82 17.98 1.32
C MET B 94 -25.66 18.98 0.54
N MET B 95 -26.95 18.70 0.30
CA MET B 95 -27.81 19.62 -0.49
C MET B 95 -27.99 20.93 0.32
N HIS B 96 -28.16 20.82 1.64
CA HIS B 96 -28.32 21.98 2.56
C HIS B 96 -26.99 22.77 2.62
N HIS B 97 -25.86 22.09 2.79
CA HIS B 97 -24.51 22.71 2.79
C HIS B 97 -24.26 23.47 1.48
N ALA B 98 -24.66 22.93 0.33
CA ALA B 98 -24.42 23.56 -0.99
C ALA B 98 -25.30 24.80 -1.14
N ALA B 99 -26.49 24.78 -0.56
CA ALA B 99 -27.49 25.89 -0.61
C ALA B 99 -26.91 27.13 0.09
N LEU B 100 -26.27 26.97 1.25
CA LEU B 100 -25.34 27.98 1.86
C LEU B 100 -24.03 27.77 1.11
N HIS B 101 -23.21 28.77 0.83
CA HIS B 101 -21.89 28.57 0.18
C HIS B 101 -22.12 28.41 -1.33
N LYS C 10 -18.24 50.60 5.86
CA LYS C 10 -17.54 50.97 7.13
C LYS C 10 -16.35 50.02 7.33
N ARG C 11 -15.69 49.66 6.24
CA ARG C 11 -14.56 48.68 6.24
C ARG C 11 -15.05 47.31 6.75
N ASN C 12 -16.36 47.12 6.91
CA ASN C 12 -16.96 45.91 7.51
C ASN C 12 -16.59 44.72 6.63
N GLN C 13 -16.61 44.86 5.30
CA GLN C 13 -16.30 43.74 4.36
C GLN C 13 -14.85 43.30 4.48
N GLU C 14 -13.92 44.26 4.54
CA GLU C 14 -12.47 44.00 4.66
C GLU C 14 -12.20 43.36 6.03
N LEU C 15 -12.81 43.86 7.11
CA LEU C 15 -12.70 43.28 8.47
C LEU C 15 -13.08 41.78 8.38
N ALA C 16 -14.24 41.47 7.81
CA ALA C 16 -14.75 40.09 7.65
C ALA C 16 -13.74 39.26 6.83
N GLU C 17 -13.25 39.82 5.72
CA GLU C 17 -12.29 39.13 4.81
C GLU C 17 -11.02 38.78 5.61
N GLN C 18 -10.59 39.69 6.47
CA GLN C 18 -9.36 39.53 7.30
C GLN C 18 -9.62 38.46 8.37
N LEU C 19 -10.74 38.54 9.09
CA LEU C 19 -11.17 37.52 10.11
C LEU C 19 -11.19 36.15 9.45
N LEU C 20 -11.71 36.01 8.24
CA LEU C 20 -11.81 34.68 7.56
C LEU C 20 -10.43 34.07 7.34
N LYS C 21 -9.40 34.88 7.05
CA LYS C 21 -7.99 34.40 6.89
C LYS C 21 -7.43 34.02 8.25
N GLU C 22 -7.79 34.72 9.32
CA GLU C 22 -7.29 34.48 10.71
C GLU C 22 -7.96 33.24 11.37
N LEU C 23 -9.09 32.77 10.87
CA LEU C 23 -9.86 31.65 11.47
C LEU C 23 -9.06 30.37 11.33
N PRO C 24 -9.02 29.51 12.37
CA PRO C 24 -8.17 28.32 12.35
C PRO C 24 -8.48 27.50 11.10
N HIS C 25 -9.68 26.92 10.96
CA HIS C 25 -10.02 25.93 9.92
C HIS C 25 -10.82 26.62 8.84
N GLU C 26 -10.56 26.31 7.57
CA GLU C 26 -11.41 26.80 6.44
C GLU C 26 -12.81 26.17 6.51
N THR C 27 -13.72 26.74 5.73
CA THR C 27 -15.10 26.23 5.51
C THR C 27 -14.98 24.79 4.98
N THR C 28 -15.78 23.87 5.52
CA THR C 28 -15.53 22.41 5.34
C THR C 28 -15.84 22.08 3.87
N SER C 29 -14.93 21.36 3.21
CA SER C 29 -15.14 20.90 1.82
C SER C 29 -16.26 19.84 1.87
N ILE C 30 -16.78 19.43 0.73
CA ILE C 30 -17.62 18.21 0.56
C ILE C 30 -16.81 16.96 0.96
N ALA C 31 -15.59 16.81 0.48
CA ALA C 31 -14.66 15.72 0.86
C ALA C 31 -14.53 15.65 2.39
N ASN C 32 -14.46 16.79 3.06
CA ASN C 32 -14.27 16.85 4.54
C ASN C 32 -15.59 16.50 5.22
N LEU C 33 -16.71 16.86 4.62
CA LEU C 33 -18.04 16.48 5.13
C LEU C 33 -18.15 14.95 5.09
N VAL C 34 -17.72 14.30 4.02
CA VAL C 34 -17.71 12.81 3.92
C VAL C 34 -16.79 12.24 5.00
N GLN C 35 -15.55 12.69 5.09
CA GLN C 35 -14.56 12.18 6.09
C GLN C 35 -15.15 12.28 7.50
N ARG C 36 -15.78 13.40 7.81
CA ARG C 36 -16.33 13.70 9.14
C ARG C 36 -17.52 12.76 9.40
N ASN C 37 -18.31 12.52 8.39
CA ASN C 37 -19.47 11.62 8.46
C ASN C 37 -19.00 10.16 8.61
N ASN C 38 -17.98 9.74 7.89
CA ASN C 38 -17.31 8.42 8.10
C ASN C 38 -16.85 8.27 9.56
N ARG C 39 -16.16 9.24 10.12
CA ARG C 39 -15.67 9.16 11.53
C ARG C 39 -16.87 8.99 12.48
N ASP C 40 -17.97 9.69 12.23
CA ASP C 40 -19.17 9.67 13.11
C ASP C 40 -19.82 8.29 13.02
N LEU C 41 -20.00 7.74 11.82
CA LEU C 41 -20.52 6.36 11.57
C LEU C 41 -19.58 5.35 12.24
N ASP C 42 -18.26 5.47 12.07
CA ASP C 42 -17.28 4.56 12.68
C ASP C 42 -17.45 4.62 14.20
N TYR C 43 -17.57 5.80 14.80
CA TYR C 43 -17.75 5.96 16.25
C TYR C 43 -19.03 5.26 16.66
N ASN C 44 -20.16 5.55 15.99
CA ASN C 44 -21.49 5.01 16.40
C ASN C 44 -21.54 3.51 16.17
N LEU C 45 -20.92 3.00 15.11
CA LEU C 45 -20.83 1.55 14.84
C LEU C 45 -20.06 0.87 15.96
N GLU C 46 -18.91 1.42 16.40
CA GLU C 46 -18.11 0.80 17.48
C GLU C 46 -18.93 0.79 18.77
N GLN C 47 -19.72 1.81 19.08
CA GLN C 47 -20.53 1.80 20.32
C GLN C 47 -21.59 0.71 20.20
N LEU C 48 -22.23 0.56 19.04
CA LEU C 48 -23.28 -0.46 18.84
C LEU C 48 -22.68 -1.85 18.99
N VAL C 49 -21.52 -2.05 18.41
CA VAL C 49 -20.79 -3.35 18.46
C VAL C 49 -20.55 -3.68 19.93
N ARG C 50 -20.07 -2.71 20.70
CA ARG C 50 -19.81 -2.85 22.16
C ARG C 50 -21.13 -3.18 22.86
N THR C 51 -22.23 -2.47 22.58
CA THR C 51 -23.55 -2.75 23.21
C THR C 51 -23.97 -4.18 22.91
N LEU C 52 -23.84 -4.64 21.67
CA LEU C 52 -24.26 -6.01 21.29
C LEU C 52 -23.36 -7.02 21.99
N LEU C 53 -22.05 -6.79 22.06
CA LEU C 53 -21.13 -7.73 22.75
C LEU C 53 -21.42 -7.72 24.25
N GLN C 54 -21.76 -6.59 24.85
CA GLN C 54 -22.18 -6.53 26.28
C GLN C 54 -23.36 -7.48 26.47
N MET C 55 -24.33 -7.48 25.57
CA MET C 55 -25.48 -8.41 25.62
C MET C 55 -25.00 -9.87 25.55
N GLU C 56 -24.13 -10.20 24.60
CA GLU C 56 -23.56 -11.56 24.42
C GLU C 56 -22.86 -11.98 25.71
N LYS C 57 -22.07 -11.09 26.30
CA LYS C 57 -21.34 -11.37 27.57
C LYS C 57 -22.35 -11.71 28.67
N GLU C 58 -23.48 -10.99 28.74
CA GLU C 58 -24.50 -11.14 29.81
C GLU C 58 -25.34 -12.40 29.56
N GLY C 59 -25.22 -13.06 28.40
CA GLY C 59 -25.90 -14.33 28.09
C GLY C 59 -27.05 -14.18 27.10
N THR C 60 -27.27 -12.98 26.56
CA THR C 60 -28.25 -12.73 25.46
C THR C 60 -27.53 -12.97 24.13
N HIS C 61 -27.74 -14.12 23.50
CA HIS C 61 -27.03 -14.51 22.25
C HIS C 61 -27.45 -13.55 21.14
N VAL C 62 -26.50 -13.03 20.37
CA VAL C 62 -26.77 -12.03 19.30
C VAL C 62 -27.07 -12.79 18.00
N THR C 63 -28.33 -12.77 17.58
CA THR C 63 -28.87 -13.46 16.39
C THR C 63 -29.67 -12.48 15.54
N GLU C 64 -29.95 -12.85 14.30
CA GLU C 64 -30.82 -12.07 13.38
C GLU C 64 -32.17 -11.78 14.07
N SER C 65 -32.70 -12.74 14.85
CA SER C 65 -34.04 -12.57 15.47
C SER C 65 -33.95 -11.51 16.57
N LEU C 66 -32.89 -11.52 17.39
CA LEU C 66 -32.68 -10.49 18.44
C LEU C 66 -32.68 -9.10 17.80
N ILE C 67 -31.96 -8.94 16.69
CA ILE C 67 -31.87 -7.63 16.00
C ILE C 67 -33.28 -7.25 15.50
N ASN C 68 -34.04 -8.19 14.96
CA ASN C 68 -35.41 -7.92 14.47
C ASN C 68 -36.27 -7.42 15.64
N THR C 69 -36.17 -8.06 16.80
CA THR C 69 -36.97 -7.69 18.00
C THR C 69 -36.51 -6.33 18.51
N LEU C 70 -35.21 -6.07 18.57
CA LEU C 70 -34.69 -4.73 18.98
C LEU C 70 -35.22 -3.66 18.03
N MET C 71 -35.35 -3.94 16.72
CA MET C 71 -35.86 -2.98 15.70
C MET C 71 -37.37 -2.78 15.88
N GLU C 72 -38.16 -3.84 16.10
CA GLU C 72 -39.63 -3.76 16.30
C GLU C 72 -39.99 -2.81 17.47
N THR C 73 -39.16 -2.75 18.51
CA THR C 73 -39.46 -2.22 19.86
C THR C 73 -39.11 -0.74 20.04
N ASP C 74 -38.59 -0.09 19.01
CA ASP C 74 -38.28 1.37 19.03
C ASP C 74 -37.23 1.70 20.11
N THR C 75 -36.48 0.69 20.60
CA THR C 75 -35.38 0.77 21.59
C THR C 75 -34.25 1.71 21.17
N LEU C 76 -33.95 1.71 19.86
CA LEU C 76 -32.74 2.28 19.22
C LEU C 76 -33.11 3.62 18.59
N THR C 77 -32.19 4.57 18.58
CA THR C 77 -32.33 5.85 17.83
C THR C 77 -32.32 5.56 16.33
N PRO C 78 -32.85 6.47 15.49
CA PRO C 78 -32.72 6.34 14.03
C PRO C 78 -31.29 6.09 13.55
N LYS C 79 -30.28 6.74 14.15
CA LYS C 79 -28.85 6.55 13.77
C LYS C 79 -28.42 5.12 14.12
N GLU C 80 -28.89 4.60 15.24
CA GLU C 80 -28.58 3.22 15.67
C GLU C 80 -29.25 2.24 14.71
N GLN C 81 -30.50 2.48 14.34
CA GLN C 81 -31.27 1.57 13.45
C GLN C 81 -30.60 1.52 12.09
N ALA C 82 -30.05 2.63 11.62
CA ALA C 82 -29.28 2.74 10.37
C ALA C 82 -28.04 1.83 10.43
N LEU C 83 -27.44 1.59 11.61
CA LEU C 83 -26.13 0.87 11.71
C LEU C 83 -26.27 -0.48 12.41
N ILE C 84 -27.46 -0.88 12.84
CA ILE C 84 -27.62 -2.10 13.65
C ILE C 84 -27.24 -3.33 12.81
N TRP C 85 -27.51 -3.37 11.51
CA TRP C 85 -27.18 -4.56 10.68
C TRP C 85 -25.67 -4.66 10.43
N PRO C 86 -24.99 -3.57 10.02
CA PRO C 86 -23.52 -3.57 9.97
C PRO C 86 -22.89 -3.93 11.33
N ALA C 87 -23.43 -3.46 12.45
CA ALA C 87 -22.95 -3.84 13.80
C ALA C 87 -23.14 -5.34 13.99
N TYR C 88 -24.31 -5.86 13.63
CA TYR C 88 -24.64 -7.31 13.73
C TYR C 88 -23.60 -8.11 12.92
N ASN C 89 -23.41 -7.77 11.66
CA ASN C 89 -22.47 -8.46 10.75
C ASN C 89 -21.07 -8.48 11.37
N LEU C 90 -20.60 -7.33 11.85
CA LEU C 90 -19.25 -7.23 12.44
C LEU C 90 -19.17 -8.07 13.72
N VAL C 91 -20.19 -8.03 14.60
CA VAL C 91 -20.21 -8.87 15.83
C VAL C 91 -20.06 -10.34 15.44
N ARG C 92 -20.83 -10.80 14.44
CA ARG C 92 -20.78 -12.21 13.99
C ARG C 92 -19.36 -12.53 13.53
N GLN C 93 -18.75 -11.68 12.70
CA GLN C 93 -17.37 -11.90 12.20
C GLN C 93 -16.45 -12.06 13.41
N MET C 94 -16.54 -11.15 14.37
CA MET C 94 -15.64 -11.12 15.57
C MET C 94 -15.85 -12.40 16.39
N MET C 95 -17.10 -12.84 16.56
CA MET C 95 -17.40 -14.04 17.39
C MET C 95 -16.81 -15.27 16.68
N HIS C 96 -16.93 -15.34 15.35
CA HIS C 96 -16.40 -16.44 14.50
C HIS C 96 -14.87 -16.41 14.52
N HIS C 97 -14.25 -15.23 14.35
CA HIS C 97 -12.77 -15.07 14.43
C HIS C 97 -12.24 -15.53 15.78
N ALA C 98 -12.94 -15.21 16.88
CA ALA C 98 -12.49 -15.55 18.24
C ALA C 98 -12.59 -17.05 18.47
N ALA C 99 -13.56 -17.72 17.83
CA ALA C 99 -13.82 -19.17 17.95
C ALA C 99 -12.62 -19.95 17.41
N LEU C 100 -12.03 -19.57 16.26
CA LEU C 100 -11.03 -20.48 15.59
C LEU C 100 -9.71 -20.54 16.38
N HIS C 101 -9.02 -21.68 16.36
CA HIS C 101 -7.73 -21.89 17.06
C HIS C 101 -6.54 -21.76 16.08
N HIS C 102 -5.69 -20.75 16.34
CA HIS C 102 -4.50 -20.29 15.57
C HIS C 102 -4.96 -19.54 14.32
N ALA D 7 -25.87 -22.56 -24.10
CA ALA D 7 -24.63 -22.62 -23.32
C ALA D 7 -24.27 -21.21 -22.81
N LYS D 8 -24.17 -21.08 -21.46
CA LYS D 8 -23.64 -19.92 -20.70
C LYS D 8 -22.09 -19.91 -20.76
N THR D 9 -21.51 -20.82 -21.54
CA THR D 9 -20.11 -20.79 -22.02
C THR D 9 -19.85 -19.43 -22.66
N LYS D 10 -20.72 -18.96 -23.55
CA LYS D 10 -20.52 -17.66 -24.27
C LYS D 10 -20.80 -16.52 -23.27
N ARG D 11 -21.65 -16.74 -22.27
CA ARG D 11 -21.97 -15.71 -21.24
C ARG D 11 -20.68 -15.46 -20.42
N ASN D 12 -20.07 -16.56 -19.97
CA ASN D 12 -18.82 -16.55 -19.17
C ASN D 12 -17.73 -15.85 -19.99
N GLN D 13 -17.65 -16.07 -21.30
CA GLN D 13 -16.57 -15.47 -22.16
C GLN D 13 -16.73 -13.95 -22.23
N GLU D 14 -17.96 -13.46 -22.41
CA GLU D 14 -18.27 -12.01 -22.49
C GLU D 14 -18.00 -11.37 -21.13
N LEU D 15 -18.41 -12.03 -20.04
CA LEU D 15 -18.14 -11.55 -18.66
C LEU D 15 -16.62 -11.34 -18.50
N ALA D 16 -15.81 -12.34 -18.85
CA ALA D 16 -14.33 -12.31 -18.77
C ALA D 16 -13.80 -11.15 -19.64
N GLU D 17 -14.31 -11.04 -20.87
CA GLU D 17 -13.87 -9.97 -21.81
C GLU D 17 -14.14 -8.59 -21.20
N GLN D 18 -15.27 -8.44 -20.53
CA GLN D 18 -15.70 -7.17 -19.89
C GLN D 18 -14.81 -6.89 -18.67
N LEU D 19 -14.62 -7.88 -17.80
CA LEU D 19 -13.71 -7.78 -16.61
C LEU D 19 -12.32 -7.36 -17.07
N LEU D 20 -11.80 -7.92 -18.18
CA LEU D 20 -10.43 -7.59 -18.67
C LEU D 20 -10.32 -6.09 -19.01
N LYS D 21 -11.37 -5.47 -19.55
CA LYS D 21 -11.38 -4.01 -19.86
C LYS D 21 -11.46 -3.21 -18.56
N GLU D 22 -12.17 -3.71 -17.54
CA GLU D 22 -12.39 -3.00 -16.24
C GLU D 22 -11.17 -3.10 -15.30
N LEU D 23 -10.20 -3.99 -15.56
CA LEU D 23 -9.05 -4.23 -14.64
C LEU D 23 -8.20 -2.98 -14.53
N PRO D 24 -7.72 -2.64 -13.31
CA PRO D 24 -6.89 -1.48 -13.11
C PRO D 24 -5.69 -1.52 -14.06
N HIS D 25 -5.20 -0.34 -14.43
CA HIS D 25 -4.00 -0.12 -15.28
C HIS D 25 -2.86 -0.96 -14.71
N GLU D 26 -2.18 -1.70 -15.57
CA GLU D 26 -1.03 -2.53 -15.15
C GLU D 26 0.16 -2.03 -15.94
N THR D 27 1.21 -1.61 -15.23
CA THR D 27 2.54 -1.33 -15.83
C THR D 27 3.01 -2.62 -16.51
N THR D 28 3.61 -2.48 -17.69
CA THR D 28 4.25 -3.61 -18.40
C THR D 28 5.30 -4.25 -17.50
N SER D 29 5.62 -5.50 -17.80
CA SER D 29 6.44 -6.35 -16.92
C SER D 29 7.86 -5.75 -16.81
N ILE D 30 8.42 -5.34 -17.93
CA ILE D 30 9.80 -4.77 -18.03
C ILE D 30 9.84 -3.44 -17.28
N ALA D 31 8.88 -2.54 -17.53
CA ALA D 31 8.76 -1.24 -16.84
C ALA D 31 8.72 -1.47 -15.34
N ASN D 32 8.03 -2.52 -14.88
CA ASN D 32 7.86 -2.82 -13.43
C ASN D 32 9.19 -3.34 -12.86
N LEU D 33 9.92 -4.11 -13.66
CA LEU D 33 11.24 -4.63 -13.26
C LEU D 33 12.18 -3.43 -13.01
N VAL D 34 12.17 -2.46 -13.92
CA VAL D 34 13.02 -1.24 -13.79
C VAL D 34 12.62 -0.47 -12.54
N GLN D 35 11.33 -0.16 -12.40
CA GLN D 35 10.80 0.66 -11.28
C GLN D 35 11.18 0.02 -9.97
N ARG D 36 11.05 -1.30 -9.90
CA ARG D 36 11.29 -2.06 -8.65
C ARG D 36 12.77 -1.97 -8.30
N ASN D 37 13.60 -2.10 -9.33
CA ASN D 37 15.06 -2.03 -9.17
C ASN D 37 15.48 -0.61 -8.73
N ASN D 38 14.91 0.44 -9.34
CA ASN D 38 15.15 1.84 -8.91
C ASN D 38 14.80 2.03 -7.45
N ARG D 39 13.63 1.57 -7.01
CA ARG D 39 13.20 1.78 -5.60
C ARG D 39 14.21 1.12 -4.67
N ASP D 40 14.70 -0.06 -5.02
CA ASP D 40 15.57 -0.86 -4.13
C ASP D 40 16.95 -0.16 -4.03
N LEU D 41 17.50 0.28 -5.17
CA LEU D 41 18.76 1.06 -5.22
C LEU D 41 18.61 2.36 -4.42
N ASP D 42 17.52 3.08 -4.63
CA ASP D 42 17.26 4.36 -3.94
C ASP D 42 17.20 4.10 -2.44
N TYR D 43 16.52 3.03 -2.01
CA TYR D 43 16.42 2.70 -0.57
C TYR D 43 17.82 2.40 -0.02
N ASN D 44 18.60 1.58 -0.69
CA ASN D 44 19.94 1.15 -0.19
C ASN D 44 20.91 2.33 -0.20
N LEU D 45 20.85 3.21 -1.20
CA LEU D 45 21.65 4.47 -1.19
C LEU D 45 21.30 5.31 0.05
N GLU D 46 20.03 5.51 0.32
CA GLU D 46 19.59 6.35 1.47
C GLU D 46 20.05 5.70 2.79
N GLN D 47 20.06 4.38 2.92
CA GLN D 47 20.55 3.72 4.15
C GLN D 47 22.03 4.00 4.32
N LEU D 48 22.80 3.87 3.25
CA LEU D 48 24.27 4.11 3.31
C LEU D 48 24.54 5.58 3.69
N VAL D 49 23.78 6.49 3.11
CA VAL D 49 23.92 7.94 3.39
C VAL D 49 23.70 8.15 4.89
N ARG D 50 22.63 7.56 5.43
CA ARG D 50 22.29 7.63 6.87
C ARG D 50 23.44 7.05 7.70
N THR D 51 23.96 5.87 7.34
CA THR D 51 25.08 5.23 8.08
C THR D 51 26.28 6.17 8.07
N LEU D 52 26.62 6.77 6.93
CA LEU D 52 27.82 7.65 6.84
C LEU D 52 27.59 8.91 7.66
N LEU D 53 26.38 9.49 7.64
CA LEU D 53 26.07 10.69 8.46
C LEU D 53 26.14 10.32 9.94
N GLN D 54 25.68 9.13 10.34
CA GLN D 54 25.76 8.68 11.75
C GLN D 54 27.24 8.70 12.16
N MET D 55 28.15 8.22 11.31
CA MET D 55 29.61 8.24 11.58
C MET D 55 30.09 9.68 11.79
N GLU D 56 29.75 10.58 10.87
CA GLU D 56 30.12 12.01 10.92
C GLU D 56 29.61 12.60 12.24
N LYS D 57 28.35 12.31 12.61
CA LYS D 57 27.77 12.82 13.88
C LYS D 57 28.60 12.34 15.08
N GLU D 58 29.05 11.10 15.06
CA GLU D 58 29.78 10.46 16.20
C GLU D 58 31.23 10.97 16.24
N GLY D 59 31.69 11.70 15.23
CA GLY D 59 33.02 12.35 15.20
C GLY D 59 34.01 11.65 14.28
N THR D 60 33.58 10.63 13.53
CA THR D 60 34.38 9.97 12.48
C THR D 60 34.13 10.75 11.18
N HIS D 61 35.06 11.62 10.80
CA HIS D 61 34.92 12.50 9.61
C HIS D 61 34.90 11.60 8.38
N VAL D 62 33.96 11.83 7.47
CA VAL D 62 33.77 10.96 6.29
C VAL D 62 34.66 11.52 5.18
N THR D 63 35.70 10.76 4.84
CA THR D 63 36.73 11.10 3.83
C THR D 63 36.87 9.95 2.86
N GLU D 64 37.50 10.23 1.73
CA GLU D 64 37.85 9.20 0.72
C GLU D 64 38.64 8.06 1.40
N SER D 65 39.52 8.35 2.35
CA SER D 65 40.37 7.31 2.99
C SER D 65 39.50 6.38 3.85
N LEU D 66 38.55 6.94 4.61
CA LEU D 66 37.61 6.14 5.42
C LEU D 66 36.86 5.15 4.52
N ILE D 67 36.36 5.63 3.38
CA ILE D 67 35.60 4.77 2.44
C ILE D 67 36.53 3.66 1.94
N ASN D 68 37.77 4.00 1.62
CA ASN D 68 38.74 3.00 1.10
C ASN D 68 38.96 1.92 2.16
N THR D 69 39.11 2.31 3.43
CA THR D 69 39.34 1.35 4.54
C THR D 69 38.09 0.49 4.74
N LEU D 70 36.90 1.09 4.73
CA LEU D 70 35.64 0.29 4.84
C LEU D 70 35.57 -0.73 3.71
N MET D 71 36.00 -0.37 2.48
CA MET D 71 35.97 -1.26 1.29
C MET D 71 37.02 -2.39 1.44
N GLU D 72 38.24 -2.06 1.90
CA GLU D 72 39.34 -3.05 2.07
C GLU D 72 38.95 -4.18 3.03
N THR D 73 38.14 -3.92 4.05
CA THR D 73 37.70 -4.93 5.05
C THR D 73 36.93 -6.10 4.43
N ASP D 74 36.48 -5.98 3.18
CA ASP D 74 35.83 -7.09 2.42
C ASP D 74 34.54 -7.55 3.11
N THR D 75 33.92 -6.67 3.93
CA THR D 75 32.69 -6.95 4.74
C THR D 75 31.44 -6.36 4.10
N LEU D 76 31.54 -5.32 3.27
CA LEU D 76 30.33 -4.68 2.64
C LEU D 76 29.68 -5.69 1.71
N THR D 77 28.36 -5.70 1.60
CA THR D 77 27.62 -6.53 0.61
C THR D 77 27.93 -6.01 -0.80
N PRO D 78 27.73 -6.83 -1.85
CA PRO D 78 27.84 -6.36 -3.22
C PRO D 78 27.05 -5.07 -3.50
N LYS D 79 25.83 -4.96 -2.97
CA LYS D 79 24.93 -3.80 -3.18
C LYS D 79 25.55 -2.57 -2.48
N GLU D 80 26.14 -2.77 -1.32
CA GLU D 80 26.80 -1.69 -0.57
C GLU D 80 28.04 -1.23 -1.34
N GLN D 81 28.84 -2.16 -1.86
CA GLN D 81 30.09 -1.82 -2.58
C GLN D 81 29.75 -0.99 -3.82
N ALA D 82 28.67 -1.36 -4.50
CA ALA D 82 28.18 -0.67 -5.71
C ALA D 82 27.80 0.79 -5.34
N LEU D 83 27.31 1.05 -4.12
CA LEU D 83 26.62 2.31 -3.77
C LEU D 83 27.46 3.13 -2.76
N ILE D 84 28.60 2.65 -2.28
CA ILE D 84 29.31 3.37 -1.18
C ILE D 84 29.89 4.70 -1.73
N TRP D 85 30.35 4.74 -2.97
CA TRP D 85 30.92 5.97 -3.56
C TRP D 85 29.84 7.01 -3.85
N PRO D 86 28.73 6.63 -4.52
CA PRO D 86 27.59 7.54 -4.65
C PRO D 86 27.06 8.04 -3.29
N ALA D 87 27.02 7.19 -2.26
CA ALA D 87 26.63 7.62 -0.91
C ALA D 87 27.65 8.64 -0.38
N TYR D 88 28.94 8.38 -0.56
CA TYR D 88 30.02 9.29 -0.14
C TYR D 88 29.83 10.66 -0.84
N ASN D 89 29.72 10.67 -2.15
CA ASN D 89 29.53 11.90 -2.96
C ASN D 89 28.32 12.68 -2.43
N LEU D 90 27.19 12.01 -2.24
CA LEU D 90 25.96 12.67 -1.75
C LEU D 90 26.18 13.20 -0.32
N VAL D 91 26.82 12.46 0.58
CA VAL D 91 27.10 12.94 1.96
C VAL D 91 27.92 14.23 1.87
N ARG D 92 28.96 14.26 1.06
CA ARG D 92 29.83 15.45 0.88
C ARG D 92 28.94 16.63 0.41
N GLN D 93 28.08 16.42 -0.60
CA GLN D 93 27.18 17.48 -1.09
C GLN D 93 26.34 18.00 0.05
N MET D 94 25.72 17.09 0.81
CA MET D 94 24.79 17.43 1.93
C MET D 94 25.55 18.18 3.02
N MET D 95 26.78 17.80 3.34
CA MET D 95 27.56 18.46 4.42
C MET D 95 27.90 19.87 3.96
N HIS D 96 28.24 20.04 2.68
CA HIS D 96 28.53 21.36 2.08
C HIS D 96 27.24 22.23 2.00
N HIS D 97 26.12 21.65 1.56
CA HIS D 97 24.78 22.32 1.54
C HIS D 97 24.41 22.79 2.94
N ALA D 98 24.67 22.01 4.00
CA ALA D 98 24.27 22.37 5.39
C ALA D 98 25.15 23.53 5.87
N ALA D 99 26.41 23.59 5.43
CA ALA D 99 27.36 24.66 5.80
C ALA D 99 26.86 26.02 5.22
N LEU D 100 26.45 26.05 3.96
CA LEU D 100 25.95 27.24 3.22
C LEU D 100 24.50 27.57 3.59
N HIS D 101 23.87 26.89 4.55
CA HIS D 101 22.44 27.12 4.89
C HIS D 101 22.24 27.28 6.40
N HIS D 102 21.48 28.30 6.80
CA HIS D 102 21.25 28.72 8.21
C HIS D 102 20.21 29.85 8.26
N LYS E 8 18.44 52.07 5.92
CA LYS E 8 18.09 51.04 4.90
C LYS E 8 18.65 49.67 5.27
N THR E 9 19.56 49.56 6.26
CA THR E 9 20.13 48.27 6.73
C THR E 9 18.99 47.34 7.17
N LYS E 10 18.05 47.86 7.97
CA LYS E 10 16.88 47.10 8.47
C LYS E 10 15.90 46.85 7.32
N ARG E 11 15.85 47.79 6.35
CA ARG E 11 14.96 47.67 5.16
C ARG E 11 15.43 46.47 4.33
N ASN E 12 16.74 46.42 4.06
CA ASN E 12 17.39 45.35 3.28
C ASN E 12 17.12 44.00 3.93
N GLN E 13 17.17 43.92 5.27
CA GLN E 13 16.99 42.63 5.99
C GLN E 13 15.56 42.12 5.86
N GLU E 14 14.59 43.01 6.01
CA GLU E 14 13.14 42.68 5.89
C GLU E 14 12.82 42.29 4.45
N LEU E 15 13.37 43.01 3.46
CA LEU E 15 13.20 42.66 2.01
C LEU E 15 13.67 41.22 1.80
N ALA E 16 14.87 40.89 2.29
CA ALA E 16 15.46 39.53 2.18
C ALA E 16 14.54 38.51 2.86
N GLU E 17 14.07 38.83 4.07
CA GLU E 17 13.20 37.93 4.87
C GLU E 17 11.91 37.65 4.07
N GLN E 18 11.39 38.67 3.40
CA GLN E 18 10.14 38.55 2.60
C GLN E 18 10.40 37.72 1.34
N LEU E 19 11.48 38.01 0.62
CA LEU E 19 11.91 37.22 -0.58
C LEU E 19 12.05 35.75 -0.20
N LEU E 20 12.65 35.44 0.95
CA LEU E 20 12.87 34.03 1.38
C LEU E 20 11.54 33.29 1.54
N LYS E 21 10.48 33.95 2.00
CA LYS E 21 9.12 33.34 2.13
C LYS E 21 8.52 33.13 0.75
N GLU E 22 8.78 34.04 -0.21
CA GLU E 22 8.19 33.99 -1.57
C GLU E 22 8.91 33.00 -2.50
N LEU E 23 9.63 32.00 -1.96
CA LEU E 23 10.41 31.03 -2.80
C LEU E 23 9.66 29.70 -2.86
N THR E 28 11.17 20.43 1.31
CA THR E 28 12.51 20.92 1.70
C THR E 28 13.57 20.63 0.63
N SER E 29 14.61 21.45 0.71
CA SER E 29 15.76 21.43 -0.21
C SER E 29 16.50 20.11 -0.04
N ILE E 30 16.70 19.58 1.17
CA ILE E 30 17.42 18.30 1.40
C ILE E 30 16.65 17.16 0.75
N ALA E 31 15.35 17.07 1.01
CA ALA E 31 14.47 16.01 0.45
C ALA E 31 14.58 16.06 -1.08
N ASN E 32 14.64 17.26 -1.65
CA ASN E 32 14.67 17.44 -3.12
C ASN E 32 16.05 17.09 -3.65
N LEU E 33 17.10 17.33 -2.89
CA LEU E 33 18.49 16.92 -3.23
C LEU E 33 18.52 15.39 -3.34
N VAL E 34 17.92 14.67 -2.40
CA VAL E 34 17.85 13.19 -2.41
C VAL E 34 17.06 12.75 -3.66
N GLN E 35 15.85 13.27 -3.85
CA GLN E 35 14.99 12.89 -5.01
C GLN E 35 15.74 13.11 -6.32
N ARG E 36 16.44 14.21 -6.44
CA ARG E 36 17.18 14.63 -7.67
C ARG E 36 18.33 13.64 -7.89
N ASN E 37 19.00 13.25 -6.80
CA ASN E 37 20.14 12.32 -6.86
C ASN E 37 19.62 10.91 -7.24
N ASN E 38 18.49 10.47 -6.68
CA ASN E 38 17.81 9.22 -7.10
C ASN E 38 17.49 9.27 -8.59
N ARG E 39 16.89 10.33 -9.10
CA ARG E 39 16.52 10.43 -10.54
C ARG E 39 17.79 10.31 -11.38
N ASP E 40 18.91 10.89 -10.96
CA ASP E 40 20.18 10.89 -11.73
C ASP E 40 20.75 9.47 -11.75
N LEU E 41 20.78 8.78 -10.62
CA LEU E 41 21.18 7.35 -10.51
C LEU E 41 20.27 6.48 -11.39
N ASP E 42 18.97 6.67 -11.30
CA ASP E 42 17.98 5.92 -12.12
C ASP E 42 18.28 6.18 -13.60
N TYR E 43 18.55 7.41 -14.00
CA TYR E 43 18.88 7.77 -15.41
C TYR E 43 20.16 7.05 -15.81
N ASN E 44 21.22 7.11 -15.01
CA ASN E 44 22.54 6.50 -15.35
C ASN E 44 22.42 4.97 -15.42
N LEU E 45 21.66 4.36 -14.51
CA LEU E 45 21.37 2.90 -14.56
C LEU E 45 20.68 2.54 -15.89
N GLU E 46 19.66 3.30 -16.28
CA GLU E 46 18.87 2.99 -17.50
C GLU E 46 19.76 3.16 -18.73
N GLN E 47 20.70 4.12 -18.77
CA GLN E 47 21.62 4.25 -19.93
C GLN E 47 22.51 3.01 -20.01
N LEU E 48 23.03 2.55 -18.88
CA LEU E 48 23.93 1.37 -18.84
C LEU E 48 23.15 0.12 -19.31
N VAL E 49 21.93 -0.01 -18.85
CA VAL E 49 21.04 -1.14 -19.23
C VAL E 49 20.87 -1.13 -20.75
N ARG E 50 20.57 0.04 -21.31
CA ARG E 50 20.41 0.23 -22.77
C ARG E 50 21.73 -0.15 -23.48
N THR E 51 22.89 0.32 -23.01
CA THR E 51 24.20 -0.02 -23.62
C THR E 51 24.39 -1.53 -23.62
N LEU E 52 24.12 -2.19 -22.51
CA LEU E 52 24.35 -3.65 -22.39
C LEU E 52 23.38 -4.38 -23.33
N LEU E 53 22.12 -3.96 -23.41
CA LEU E 53 21.15 -4.60 -24.32
C LEU E 53 21.56 -4.35 -25.78
N GLN E 54 22.07 -3.17 -26.12
CA GLN E 54 22.60 -2.89 -27.48
C GLN E 54 23.68 -3.93 -27.82
N MET E 55 24.56 -4.25 -26.88
CA MET E 55 25.62 -5.28 -27.08
C MET E 55 24.98 -6.64 -27.39
N GLU E 56 24.02 -7.05 -26.55
CA GLU E 56 23.29 -8.33 -26.69
C GLU E 56 22.62 -8.38 -28.08
N LYS E 57 21.97 -7.30 -28.48
CA LYS E 57 21.29 -7.20 -29.80
C LYS E 57 22.30 -7.42 -30.93
N GLU E 58 23.51 -6.85 -30.80
CA GLU E 58 24.56 -6.91 -31.86
C GLU E 58 25.21 -8.29 -31.89
N GLY E 59 24.96 -9.16 -30.91
CA GLY E 59 25.47 -10.54 -30.87
C GLY E 59 26.55 -10.76 -29.83
N THR E 60 26.89 -9.75 -29.04
CA THR E 60 27.86 -9.86 -27.91
C THR E 60 27.07 -10.26 -26.67
N HIS E 61 27.13 -11.52 -26.28
CA HIS E 61 26.32 -12.04 -25.13
C HIS E 61 26.83 -11.37 -23.85
N VAL E 62 25.92 -10.88 -23.02
CA VAL E 62 26.29 -10.10 -21.80
C VAL E 62 26.42 -11.10 -20.64
N THR E 63 27.65 -11.31 -20.19
CA THR E 63 28.04 -12.25 -19.12
C THR E 63 28.88 -11.53 -18.07
N GLU E 64 29.04 -12.16 -16.92
CA GLU E 64 29.91 -11.68 -15.83
C GLU E 64 31.32 -11.42 -16.38
N SER E 65 31.83 -12.23 -17.29
CA SER E 65 33.22 -12.08 -17.79
C SER E 65 33.32 -10.81 -18.66
N LEU E 66 32.33 -10.56 -19.51
CA LEU E 66 32.29 -9.31 -20.31
C LEU E 66 32.34 -8.07 -19.37
N ILE E 67 31.56 -8.08 -18.30
CA ILE E 67 31.51 -6.94 -17.34
C ILE E 67 32.89 -6.82 -16.68
N ASN E 68 33.55 -7.92 -16.36
CA ASN E 68 34.89 -7.89 -15.74
C ASN E 68 35.87 -7.22 -16.71
N THR E 69 35.81 -7.58 -17.99
CA THR E 69 36.70 -7.00 -19.04
C THR E 69 36.38 -5.50 -19.20
N LEU E 70 35.11 -5.11 -19.25
CA LEU E 70 34.73 -3.69 -19.34
C LEU E 70 35.30 -2.92 -18.14
N MET E 71 35.31 -3.53 -16.94
CA MET E 71 35.81 -2.90 -15.69
C MET E 71 37.34 -2.79 -15.73
N GLU E 72 38.05 -3.83 -16.19
CA GLU E 72 39.54 -3.85 -16.29
C GLU E 72 40.07 -2.66 -17.10
N THR E 73 39.35 -2.20 -18.12
CA THR E 73 39.67 -0.94 -18.86
C THR E 73 39.16 0.30 -18.10
N ASP E 74 39.42 1.48 -18.65
CA ASP E 74 38.93 2.77 -18.10
C ASP E 74 37.83 3.33 -19.03
N THR E 75 37.10 2.48 -19.74
CA THR E 75 35.95 2.82 -20.63
C THR E 75 34.80 3.47 -19.85
N LEU E 76 34.61 3.13 -18.57
CA LEU E 76 33.42 3.53 -17.76
C LEU E 76 33.83 4.65 -16.81
N THR E 77 32.97 5.65 -16.62
CA THR E 77 33.14 6.70 -15.58
C THR E 77 32.99 6.05 -14.20
N PRO E 78 33.48 6.70 -13.12
CA PRO E 78 33.21 6.22 -11.76
C PRO E 78 31.72 5.96 -11.46
N LYS E 79 30.82 6.81 -11.94
CA LYS E 79 29.34 6.62 -11.73
C LYS E 79 28.87 5.36 -12.47
N GLU E 80 29.42 5.11 -13.65
CA GLU E 80 29.08 3.91 -14.43
C GLU E 80 29.63 2.67 -13.72
N GLN E 81 30.86 2.71 -13.20
CA GLN E 81 31.48 1.56 -12.52
C GLN E 81 30.68 1.20 -11.27
N ALA E 82 30.17 2.21 -10.57
CA ALA E 82 29.30 2.05 -9.39
C ALA E 82 28.01 1.31 -9.78
N LEU E 83 27.51 1.46 -11.01
CA LEU E 83 26.17 1.00 -11.41
C LEU E 83 26.22 -0.17 -12.41
N ILE E 84 27.40 -0.58 -12.85
CA ILE E 84 27.50 -1.59 -13.92
C ILE E 84 26.96 -2.93 -13.41
N TRP E 85 27.17 -3.30 -12.15
CA TRP E 85 26.70 -4.62 -11.63
C TRP E 85 25.18 -4.64 -11.46
N PRO E 86 24.57 -3.62 -10.82
CA PRO E 86 23.11 -3.50 -10.84
C PRO E 86 22.52 -3.47 -12.26
N ALA E 87 23.14 -2.79 -13.22
CA ALA E 87 22.68 -2.81 -14.63
C ALA E 87 22.78 -4.24 -15.17
N TYR E 88 23.90 -4.94 -14.90
CA TYR E 88 24.11 -6.33 -15.34
C TYR E 88 22.99 -7.22 -14.77
N ASN E 89 22.78 -7.17 -13.47
CA ASN E 89 21.73 -7.97 -12.76
C ASN E 89 20.37 -7.72 -13.41
N LEU E 90 20.01 -6.45 -13.61
CA LEU E 90 18.71 -6.08 -14.23
C LEU E 90 18.63 -6.61 -15.67
N VAL E 91 19.68 -6.47 -16.48
CA VAL E 91 19.71 -7.00 -17.88
C VAL E 91 19.44 -8.52 -17.82
N ARG E 92 20.11 -9.24 -16.93
CA ARG E 92 19.92 -10.71 -16.78
C ARG E 92 18.46 -11.00 -16.46
N GLN E 93 17.87 -10.30 -15.50
CA GLN E 93 16.45 -10.47 -15.12
C GLN E 93 15.59 -10.28 -16.37
N MET E 94 15.81 -9.20 -17.12
CA MET E 94 15.00 -8.81 -18.30
C MET E 94 15.15 -9.89 -19.38
N MET E 95 16.36 -10.40 -19.61
CA MET E 95 16.62 -11.43 -20.65
C MET E 95 15.87 -12.71 -20.26
N HIS E 96 15.92 -13.07 -18.99
CA HIS E 96 15.26 -14.28 -18.44
C HIS E 96 13.74 -14.11 -18.51
N HIS E 97 13.21 -12.96 -18.08
CA HIS E 97 11.75 -12.65 -18.20
C HIS E 97 11.27 -12.77 -19.66
N ALA E 98 12.05 -12.25 -20.61
CA ALA E 98 11.66 -12.26 -22.05
C ALA E 98 11.70 -13.69 -22.60
N ALA E 99 12.60 -14.53 -22.10
CA ALA E 99 12.77 -15.95 -22.52
C ALA E 99 11.50 -16.75 -22.19
N LEU E 100 10.95 -16.57 -20.98
CA LEU E 100 9.75 -17.27 -20.46
C LEU E 100 8.46 -16.65 -21.01
N HIS E 101 8.50 -15.86 -22.10
CA HIS E 101 7.30 -15.27 -22.74
C HIS E 101 7.46 -15.23 -24.26
N GLU F 4 30.15 33.15 16.14
CA GLU F 4 30.41 31.68 16.21
C GLU F 4 31.75 31.43 16.91
N HIS F 5 31.87 30.25 17.52
CA HIS F 5 33.07 29.77 18.25
C HIS F 5 32.95 28.25 18.41
N ARG F 6 33.39 27.46 17.42
CA ARG F 6 33.51 25.97 17.47
C ARG F 6 34.89 25.56 16.95
N ALA F 7 35.18 24.25 16.88
CA ALA F 7 36.52 23.71 16.55
C ALA F 7 36.62 23.20 15.09
N LYS F 8 35.50 23.10 14.37
CA LYS F 8 35.34 22.48 13.03
C LYS F 8 34.95 21.02 13.21
N THR F 9 35.67 20.30 14.10
CA THR F 9 35.31 18.91 14.48
C THR F 9 33.87 18.89 14.98
N LYS F 10 33.55 19.81 15.90
CA LYS F 10 32.21 19.90 16.54
C LYS F 10 31.22 20.45 15.49
N ARG F 11 31.70 21.27 14.54
CA ARG F 11 30.86 21.89 13.48
C ARG F 11 30.35 20.75 12.59
N ASN F 12 31.27 19.89 12.15
CA ASN F 12 30.98 18.73 11.27
C ASN F 12 29.93 17.83 11.96
N GLN F 13 30.04 17.62 13.27
CA GLN F 13 29.14 16.70 14.02
C GLN F 13 27.73 17.28 14.09
N GLU F 14 27.60 18.57 14.36
CA GLU F 14 26.29 19.29 14.44
C GLU F 14 25.67 19.32 13.05
N LEU F 15 26.45 19.59 12.00
CA LEU F 15 25.95 19.56 10.59
C LEU F 15 25.31 18.18 10.33
N ALA F 16 26.03 17.10 10.64
CA ALA F 16 25.56 15.70 10.47
C ALA F 16 24.28 15.50 11.28
N GLU F 17 24.27 15.94 12.53
CA GLU F 17 23.10 15.78 13.45
C GLU F 17 21.88 16.48 12.85
N GLN F 18 22.10 17.65 12.25
CA GLN F 18 21.03 18.48 11.64
C GLN F 18 20.53 17.80 10.37
N LEU F 19 21.45 17.38 9.47
CA LEU F 19 21.11 16.62 8.25
C LEU F 19 20.27 15.39 8.61
N LEU F 20 20.64 14.65 9.66
CA LEU F 20 19.91 13.39 10.03
C LEU F 20 18.44 13.71 10.36
N LYS F 21 18.14 14.84 10.99
CA LYS F 21 16.75 15.26 11.31
C LYS F 21 16.03 15.70 10.04
N GLU F 22 16.74 16.31 9.08
CA GLU F 22 16.15 16.83 7.81
C GLU F 22 15.90 15.72 6.77
N LEU F 23 16.49 14.53 6.93
CA LEU F 23 16.33 13.40 5.97
C LEU F 23 14.89 12.94 6.01
N PRO F 24 14.29 12.59 4.85
CA PRO F 24 12.93 12.03 4.84
C PRO F 24 12.88 10.82 5.79
N HIS F 25 11.71 10.58 6.39
CA HIS F 25 11.45 9.39 7.25
C HIS F 25 11.88 8.14 6.46
N GLU F 26 12.63 7.26 7.11
CA GLU F 26 13.09 6.03 6.45
C GLU F 26 12.54 4.87 7.24
N THR F 27 11.77 4.02 6.57
CA THR F 27 11.36 2.70 7.08
C THR F 27 12.66 1.92 7.39
N THR F 28 12.67 1.18 8.49
CA THR F 28 13.66 0.14 8.80
C THR F 28 13.79 -0.85 7.64
N SER F 29 14.89 -1.58 7.64
CA SER F 29 15.27 -2.57 6.63
C SER F 29 14.17 -3.63 6.47
N ILE F 30 13.69 -4.17 7.60
CA ILE F 30 12.69 -5.27 7.63
C ILE F 30 11.35 -4.76 7.07
N ALA F 31 10.90 -3.62 7.54
CA ALA F 31 9.66 -2.95 7.10
C ALA F 31 9.73 -2.72 5.60
N ASN F 32 10.90 -2.39 5.07
CA ASN F 32 11.07 -2.10 3.61
C ASN F 32 11.05 -3.43 2.84
N LEU F 33 11.57 -4.49 3.43
CA LEU F 33 11.52 -5.83 2.81
C LEU F 33 10.02 -6.25 2.71
N VAL F 34 9.22 -6.03 3.74
CA VAL F 34 7.75 -6.33 3.71
C VAL F 34 7.10 -5.49 2.61
N GLN F 35 7.28 -4.17 2.62
CA GLN F 35 6.62 -3.26 1.64
C GLN F 35 6.95 -3.71 0.21
N ARG F 36 8.21 -4.06 -0.02
CA ARG F 36 8.73 -4.44 -1.34
C ARG F 36 8.06 -5.76 -1.76
N ASN F 37 7.95 -6.67 -0.81
CA ASN F 37 7.36 -7.99 -1.03
C ASN F 37 5.84 -7.84 -1.30
N ASN F 38 5.13 -6.98 -0.56
CA ASN F 38 3.72 -6.64 -0.84
C ASN F 38 3.54 -6.13 -2.27
N ARG F 39 4.37 -5.19 -2.72
CA ARG F 39 4.22 -4.60 -4.08
C ARG F 39 4.38 -5.72 -5.11
N ASP F 40 5.34 -6.61 -4.89
CA ASP F 40 5.71 -7.68 -5.85
C ASP F 40 4.57 -8.70 -5.91
N LEU F 41 4.04 -9.11 -4.77
CA LEU F 41 2.89 -10.04 -4.63
C LEU F 41 1.66 -9.41 -5.29
N ASP F 42 1.38 -8.14 -5.02
CA ASP F 42 0.20 -7.45 -5.62
C ASP F 42 0.37 -7.48 -7.15
N TYR F 43 1.57 -7.18 -7.65
CA TYR F 43 1.80 -7.16 -9.10
C TYR F 43 1.61 -8.55 -9.70
N ASN F 44 2.20 -9.58 -9.09
CA ASN F 44 2.12 -10.98 -9.59
C ASN F 44 0.69 -11.50 -9.49
N LEU F 45 -0.04 -11.18 -8.42
CA LEU F 45 -1.47 -11.56 -8.26
C LEU F 45 -2.28 -10.95 -9.43
N GLU F 46 -2.08 -9.68 -9.74
CA GLU F 46 -2.87 -9.03 -10.82
C GLU F 46 -2.54 -9.70 -12.17
N GLN F 47 -1.30 -10.08 -12.43
CA GLN F 47 -0.95 -10.80 -13.69
C GLN F 47 -1.67 -12.15 -13.72
N LEU F 48 -1.69 -12.90 -12.62
CA LEU F 48 -2.34 -14.24 -12.56
C LEU F 48 -3.84 -14.08 -12.81
N VAL F 49 -4.45 -13.06 -12.20
CA VAL F 49 -5.90 -12.77 -12.36
C VAL F 49 -6.17 -12.55 -13.85
N ARG F 50 -5.33 -11.73 -14.48
CA ARG F 50 -5.44 -11.41 -15.93
C ARG F 50 -5.29 -12.72 -16.73
N THR F 51 -4.30 -13.55 -16.43
CA THR F 51 -4.07 -14.85 -17.14
C THR F 51 -5.32 -15.71 -17.01
N LEU F 52 -5.90 -15.83 -15.82
CA LEU F 52 -7.09 -16.69 -15.60
C LEU F 52 -8.28 -16.10 -16.37
N LEU F 53 -8.46 -14.79 -16.38
CA LEU F 53 -9.56 -14.17 -17.16
C LEU F 53 -9.33 -14.39 -18.67
N GLN F 54 -8.09 -14.30 -19.15
CA GLN F 54 -7.75 -14.58 -20.57
C GLN F 54 -8.20 -16.01 -20.91
N MET F 55 -7.97 -16.98 -20.02
CA MET F 55 -8.42 -18.39 -20.21
C MET F 55 -9.95 -18.44 -20.36
N GLU F 56 -10.67 -17.80 -19.43
CA GLU F 56 -12.15 -17.74 -19.41
C GLU F 56 -12.61 -17.13 -20.72
N LYS F 57 -11.99 -16.04 -21.16
CA LYS F 57 -12.37 -15.35 -22.41
C LYS F 57 -12.23 -16.32 -23.59
N GLU F 58 -11.17 -17.11 -23.61
CA GLU F 58 -10.86 -18.03 -24.74
C GLU F 58 -11.77 -19.26 -24.72
N GLY F 59 -12.55 -19.47 -23.65
CA GLY F 59 -13.53 -20.56 -23.55
C GLY F 59 -13.11 -21.68 -22.60
N THR F 60 -11.98 -21.52 -21.91
CA THR F 60 -11.55 -22.45 -20.83
C THR F 60 -12.15 -21.94 -19.52
N HIS F 61 -13.26 -22.53 -19.06
CA HIS F 61 -13.98 -22.06 -17.85
C HIS F 61 -13.06 -22.27 -16.64
N VAL F 62 -12.96 -21.26 -15.78
CA VAL F 62 -12.01 -21.30 -14.63
C VAL F 62 -12.75 -21.90 -13.44
N THR F 63 -12.37 -23.12 -13.07
CA THR F 63 -12.97 -23.94 -11.99
C THR F 63 -11.86 -24.46 -11.08
N GLU F 64 -12.25 -24.93 -9.90
CA GLU F 64 -11.34 -25.59 -8.94
C GLU F 64 -10.61 -26.76 -9.67
N SER F 65 -11.28 -27.49 -10.55
CA SER F 65 -10.68 -28.67 -11.23
C SER F 65 -9.60 -28.20 -12.23
N LEU F 66 -9.86 -27.13 -12.99
CA LEU F 66 -8.85 -26.55 -13.91
C LEU F 66 -7.60 -26.17 -13.11
N ILE F 67 -7.76 -25.51 -11.96
CA ILE F 67 -6.60 -25.08 -11.12
C ILE F 67 -5.85 -26.33 -10.67
N ASN F 68 -6.57 -27.39 -10.29
CA ASN F 68 -5.91 -28.63 -9.81
C ASN F 68 -5.09 -29.22 -10.96
N THR F 69 -5.64 -29.25 -12.18
CA THR F 69 -4.96 -29.81 -13.37
C THR F 69 -3.76 -28.94 -13.72
N LEU F 70 -3.88 -27.61 -13.70
CA LEU F 70 -2.71 -26.72 -13.96
C LEU F 70 -1.62 -26.99 -12.93
N MET F 71 -1.96 -27.28 -11.67
CA MET F 71 -0.98 -27.57 -10.58
C MET F 71 -0.35 -28.95 -10.81
N GLU F 72 -1.14 -29.98 -11.16
CA GLU F 72 -0.64 -31.38 -11.33
C GLU F 72 0.42 -31.46 -12.44
N THR F 73 0.27 -30.64 -13.49
CA THR F 73 1.27 -30.37 -14.55
C THR F 73 2.25 -29.33 -13.99
N ASP F 74 3.48 -29.21 -14.49
CA ASP F 74 4.39 -28.13 -14.01
C ASP F 74 4.04 -26.82 -14.73
N THR F 75 2.81 -26.64 -15.21
CA THR F 75 2.38 -25.54 -16.11
C THR F 75 2.40 -24.19 -15.37
N LEU F 76 2.26 -24.14 -14.03
CA LEU F 76 2.46 -22.91 -13.24
C LEU F 76 3.87 -22.91 -12.61
N THR F 77 4.51 -21.75 -12.59
CA THR F 77 5.79 -21.53 -11.86
C THR F 77 5.53 -21.63 -10.36
N PRO F 78 6.56 -21.89 -9.53
CA PRO F 78 6.42 -21.82 -8.08
C PRO F 78 5.76 -20.52 -7.57
N LYS F 79 6.08 -19.36 -8.15
CA LYS F 79 5.50 -18.05 -7.73
C LYS F 79 4.00 -18.04 -8.08
N GLU F 80 3.63 -18.63 -9.21
CA GLU F 80 2.23 -18.72 -9.64
C GLU F 80 1.48 -19.66 -8.69
N GLN F 81 2.07 -20.79 -8.34
CA GLN F 81 1.41 -21.80 -7.47
C GLN F 81 1.16 -21.21 -6.08
N ALA F 82 2.08 -20.38 -5.61
CA ALA F 82 1.96 -19.65 -4.33
C ALA F 82 0.74 -18.72 -4.36
N LEU F 83 0.33 -18.17 -5.52
CA LEU F 83 -0.77 -17.16 -5.58
C LEU F 83 -2.01 -17.67 -6.31
N ILE F 84 -2.02 -18.89 -6.80
CA ILE F 84 -3.07 -19.34 -7.77
C ILE F 84 -4.43 -19.36 -7.06
N TRP F 85 -4.51 -19.73 -5.78
CA TRP F 85 -5.82 -19.84 -5.10
C TRP F 85 -6.38 -18.45 -4.80
N PRO F 86 -5.60 -17.52 -4.22
CA PRO F 86 -6.06 -16.14 -4.12
C PRO F 86 -6.46 -15.52 -5.48
N ALA F 87 -5.71 -15.78 -6.55
CA ALA F 87 -6.12 -15.32 -7.90
C ALA F 87 -7.46 -15.96 -8.29
N TYR F 88 -7.61 -17.27 -8.07
CA TYR F 88 -8.85 -18.03 -8.38
C TYR F 88 -10.02 -17.42 -7.63
N ASN F 89 -9.88 -17.26 -6.33
CA ASN F 89 -10.96 -16.70 -5.45
C ASN F 89 -11.37 -15.34 -5.99
N LEU F 90 -10.41 -14.47 -6.27
CA LEU F 90 -10.70 -13.11 -6.77
C LEU F 90 -11.39 -13.20 -8.15
N VAL F 91 -10.92 -14.04 -9.06
CA VAL F 91 -11.56 -14.22 -10.41
C VAL F 91 -13.03 -14.61 -10.20
N ARG F 92 -13.30 -15.57 -9.33
CA ARG F 92 -14.69 -16.01 -9.04
C ARG F 92 -15.51 -14.81 -8.53
N GLN F 93 -15.00 -14.03 -7.58
CA GLN F 93 -15.68 -12.82 -7.04
C GLN F 93 -16.01 -11.90 -8.22
N MET F 94 -15.03 -11.61 -9.07
CA MET F 94 -15.16 -10.66 -10.19
C MET F 94 -16.20 -11.19 -11.20
N MET F 95 -16.22 -12.50 -11.47
CA MET F 95 -17.16 -13.10 -12.44
C MET F 95 -18.59 -12.99 -11.87
N HIS F 96 -18.73 -13.21 -10.56
CA HIS F 96 -20.02 -13.10 -9.82
C HIS F 96 -20.46 -11.63 -9.79
N HIS F 97 -19.58 -10.69 -9.47
CA HIS F 97 -19.87 -9.23 -9.50
C HIS F 97 -20.36 -8.81 -10.90
N ALA F 98 -19.74 -9.32 -11.97
CA ALA F 98 -20.08 -8.94 -13.36
C ALA F 98 -21.46 -9.47 -13.73
N ALA F 99 -21.94 -10.59 -13.16
CA ALA F 99 -23.33 -11.09 -13.31
C ALA F 99 -24.43 -9.99 -13.18
N LEU F 100 -24.27 -8.93 -12.35
CA LEU F 100 -25.08 -7.69 -12.48
C LEU F 100 -25.65 -7.59 -13.91
C1 PEG G . 8.39 -31.48 -17.89
O1 PEG G . 8.76 -30.24 -18.50
C2 PEG G . 7.17 -32.09 -18.49
O2 PEG G . 5.99 -31.48 -17.94
C3 PEG G . 4.78 -32.03 -18.43
C4 PEG G . 3.99 -32.59 -17.29
O4 PEG G . 2.71 -33.05 -17.68
#